data_6ZQX
#
_entry.id   6ZQX
#
_cell.length_a   118.670
_cell.length_b   118.670
_cell.length_c   44.230
_cell.angle_alpha   90.000
_cell.angle_beta   90.000
_cell.angle_gamma   90.000
#
_symmetry.space_group_name_H-M   'P 4'
#
loop_
_entity.id
_entity.type
_entity.pdbx_description
1 polymer 'Fibrinogen C domain-containing protein 1'
2 branched alpha-L-fucopyranose-(1-3)-2-acetamido-2-deoxy-beta-D-glucopyranose
3 non-polymer 'CALCIUM ION'
4 non-polymer 'SULFATE ION'
5 non-polymer GLYCEROL
6 non-polymer 2-acetamido-2-deoxy-beta-D-glucopyranose
7 non-polymer 'ACETIC ACID'
8 water water
#
_entity_poly.entity_id   1
_entity_poly.type   'polypeptide(L)'
_entity_poly.pdbx_seq_one_letter_code
;ATGSRPRDCLDVLLSGQQDDGVYSVFPTHYPAGFQVYCDMRTDGGGWTVFQRREDGSVNFFRGWDAYRDGFGRLTGEHWL
GLKRIHALTTQAAYELHVDLEDFENGTAYARYGSFGVGLFSVDPEEDGYPLTVADYSGTAGDSLLKHSGMRFTTKDRDSD
HSENNCAAFYRGAWWYRNCHTSNLNGQYLRGAHASYADGVEWSSWTGWQYSLKFSEMKIRPVREDR
;
_entity_poly.pdbx_strand_id   A,B
#
loop_
_chem_comp.id
_chem_comp.type
_chem_comp.name
_chem_comp.formula
ACY non-polymer 'ACETIC ACID' 'C2 H4 O2'
CA non-polymer 'CALCIUM ION' 'Ca 2'
FUC L-saccharide, alpha linking alpha-L-fucopyranose 'C6 H12 O5'
GOL non-polymer GLYCEROL 'C3 H8 O3'
NAG D-saccharide, beta linking 2-acetamido-2-deoxy-beta-D-glucopyranose 'C8 H15 N O6'
SO4 non-polymer 'SULFATE ION' 'O4 S -2'
#
# COMPACT_ATOMS: atom_id res chain seq x y z
N SER A 4 -5.17 16.34 -57.05
CA SER A 4 -6.40 17.16 -56.85
C SER A 4 -7.54 16.32 -56.25
N ARG A 5 -7.54 14.98 -56.40
CA ARG A 5 -8.56 14.07 -55.81
C ARG A 5 -7.89 12.94 -55.01
N PRO A 6 -7.25 13.28 -53.88
CA PRO A 6 -6.71 12.27 -52.97
C PRO A 6 -7.85 11.43 -52.38
N ARG A 7 -7.61 10.14 -52.22
CA ARG A 7 -8.64 9.18 -51.74
C ARG A 7 -8.64 9.13 -50.22
N ASP A 8 -7.59 9.65 -49.57
CA ASP A 8 -7.42 9.55 -48.10
C ASP A 8 -6.25 10.48 -47.70
N CYS A 9 -5.92 10.50 -46.42
CA CYS A 9 -4.88 11.40 -45.90
C CYS A 9 -3.50 10.96 -46.37
N LEU A 10 -3.31 9.69 -46.74
CA LEU A 10 -1.96 9.29 -47.25
C LEU A 10 -1.74 9.93 -48.62
N ASP A 11 -2.74 9.92 -49.51
CA ASP A 11 -2.64 10.65 -50.81
C ASP A 11 -2.38 12.13 -50.53
N VAL A 12 -3.05 12.72 -49.53
CA VAL A 12 -2.84 14.16 -49.19
C VAL A 12 -1.36 14.35 -48.83
N LEU A 13 -0.80 13.51 -47.95
CA LEU A 13 0.62 13.64 -47.51
C LEU A 13 1.54 13.51 -48.73
N LEU A 14 1.40 12.43 -49.52
CA LEU A 14 2.30 12.12 -50.66
C LEU A 14 2.19 13.22 -51.73
N SER A 15 1.10 14.00 -51.75
CA SER A 15 0.94 15.16 -52.66
C SER A 15 1.72 16.38 -52.13
N GLY A 16 2.32 16.31 -50.95
CA GLY A 16 3.19 17.38 -50.42
C GLY A 16 2.55 18.21 -49.34
N GLN A 17 1.36 17.84 -48.86
CA GLN A 17 0.73 18.47 -47.67
C GLN A 17 1.26 17.80 -46.39
N GLN A 18 2.15 18.46 -45.65
CA GLN A 18 2.82 17.85 -44.46
C GLN A 18 2.16 18.29 -43.14
N ASP A 19 1.29 19.29 -43.13
CA ASP A 19 0.70 19.83 -41.87
C ASP A 19 -0.53 19.00 -41.46
N ASP A 20 -0.62 18.65 -40.18
CA ASP A 20 -1.87 18.13 -39.56
C ASP A 20 -2.99 19.10 -39.88
N GLY A 21 -4.22 18.62 -40.09
CA GLY A 21 -5.37 19.51 -40.23
C GLY A 21 -6.47 18.89 -41.07
N VAL A 22 -7.38 19.74 -41.53
CA VAL A 22 -8.60 19.32 -42.26
C VAL A 22 -8.31 19.37 -43.76
N TYR A 23 -8.62 18.30 -44.47
CA TYR A 23 -8.44 18.17 -45.93
C TYR A 23 -9.65 17.47 -46.55
N SER A 24 -9.89 17.77 -47.83
CA SER A 24 -10.87 17.07 -48.69
C SER A 24 -10.26 15.77 -49.19
N VAL A 25 -11.03 14.69 -49.10
CA VAL A 25 -10.67 13.36 -49.67
C VAL A 25 -11.87 12.84 -50.46
N PHE A 26 -11.62 11.93 -51.37
CA PHE A 26 -12.62 11.50 -52.38
C PHE A 26 -12.52 10.00 -52.56
N PRO A 27 -13.15 9.20 -51.67
CA PRO A 27 -13.12 7.75 -51.78
C PRO A 27 -13.75 7.26 -53.11
N THR A 28 -13.31 6.09 -53.56
CA THR A 28 -13.71 5.49 -54.86
C THR A 28 -15.23 5.53 -55.03
N HIS A 29 -16.01 5.11 -54.04
CA HIS A 29 -17.48 5.01 -54.16
C HIS A 29 -18.18 6.12 -53.39
N TYR A 30 -17.50 7.23 -53.08
CA TYR A 30 -18.09 8.44 -52.46
C TYR A 30 -17.48 9.63 -53.19
N PRO A 31 -17.70 9.75 -54.52
CA PRO A 31 -16.98 10.73 -55.35
C PRO A 31 -17.28 12.20 -55.02
N ALA A 32 -18.39 12.48 -54.35
CA ALA A 32 -18.68 13.83 -53.81
C ALA A 32 -17.55 14.23 -52.85
N GLY A 33 -16.95 13.24 -52.16
CA GLY A 33 -15.92 13.45 -51.16
C GLY A 33 -16.45 14.11 -49.90
N PHE A 34 -15.54 14.34 -48.97
CA PHE A 34 -15.84 14.96 -47.66
C PHE A 34 -14.54 15.38 -47.02
N GLN A 35 -14.65 16.14 -45.95
CA GLN A 35 -13.48 16.63 -45.20
C GLN A 35 -13.20 15.67 -44.05
N VAL A 36 -11.91 15.55 -43.71
CA VAL A 36 -11.41 14.69 -42.60
C VAL A 36 -10.29 15.44 -41.90
N TYR A 37 -9.97 15.01 -40.69
CA TYR A 37 -8.72 15.38 -39.99
C TYR A 37 -7.64 14.38 -40.37
N CYS A 38 -6.51 14.92 -40.85
CA CYS A 38 -5.30 14.15 -41.24
C CYS A 38 -4.23 14.33 -40.16
N ASP A 39 -3.72 13.22 -39.65
CA ASP A 39 -2.55 13.13 -38.74
C ASP A 39 -1.35 12.86 -39.63
N MET A 40 -0.54 13.88 -39.85
CA MET A 40 0.65 13.82 -40.73
C MET A 40 1.93 13.56 -39.90
N ARG A 41 1.82 13.21 -38.61
CA ARG A 41 3.00 13.01 -37.70
C ARG A 41 3.20 11.52 -37.35
N THR A 42 2.18 10.80 -36.89
CA THR A 42 2.30 9.42 -36.34
C THR A 42 2.94 8.47 -37.36
N ASP A 43 4.08 7.86 -36.99
CA ASP A 43 4.79 6.82 -37.77
C ASP A 43 4.94 7.27 -39.24
N GLY A 44 5.34 8.52 -39.48
CA GLY A 44 5.53 9.05 -40.84
C GLY A 44 4.32 9.80 -41.39
N GLY A 45 3.15 9.71 -40.75
CA GLY A 45 1.96 10.49 -41.14
C GLY A 45 1.09 9.78 -42.17
N GLY A 46 0.00 10.43 -42.58
CA GLY A 46 -0.93 9.93 -43.64
C GLY A 46 -2.12 9.19 -43.04
N TRP A 47 -2.47 9.49 -41.79
CA TRP A 47 -3.57 8.82 -41.05
C TRP A 47 -4.85 9.64 -41.19
N THR A 48 -5.94 8.98 -41.58
CA THR A 48 -7.29 9.57 -41.67
C THR A 48 -8.00 9.29 -40.35
N VAL A 49 -8.27 10.33 -39.58
CA VAL A 49 -8.97 10.23 -38.27
C VAL A 49 -10.44 9.91 -38.54
N PHE A 50 -11.04 9.05 -37.74
CA PHE A 50 -12.51 8.84 -37.78
C PHE A 50 -13.14 8.91 -36.40
N GLN A 51 -12.36 8.97 -35.32
CA GLN A 51 -12.93 9.11 -33.96
C GLN A 51 -11.95 9.92 -33.12
N ARG A 52 -12.46 10.83 -32.30
CA ARG A 52 -11.62 11.56 -31.31
C ARG A 52 -12.46 11.89 -30.08
N ARG A 53 -11.93 11.53 -28.90
CA ARG A 53 -12.38 11.99 -27.57
C ARG A 53 -11.22 12.79 -26.96
N GLU A 54 -11.53 13.92 -26.32
CA GLU A 54 -10.44 14.71 -25.66
C GLU A 54 -10.97 15.54 -24.49
N ASP A 55 -12.28 15.73 -24.32
CA ASP A 55 -12.74 16.73 -23.31
C ASP A 55 -14.18 16.52 -22.83
N GLY A 56 -14.98 15.62 -23.42
CA GLY A 56 -16.37 15.39 -23.01
C GLY A 56 -17.32 16.47 -23.48
N SER A 57 -16.92 17.31 -24.42
CA SER A 57 -17.74 18.44 -24.95
C SER A 57 -18.85 17.91 -25.86
N VAL A 58 -18.69 16.72 -26.44
CA VAL A 58 -19.66 16.18 -27.43
C VAL A 58 -20.35 14.96 -26.85
N ASN A 59 -21.67 14.89 -27.04
CA ASN A 59 -22.46 13.71 -26.62
C ASN A 59 -22.18 12.56 -27.59
N PHE A 60 -21.67 11.44 -27.12
CA PHE A 60 -21.43 10.22 -27.92
C PHE A 60 -22.54 9.19 -27.73
N PHE A 61 -23.50 9.45 -26.83
CA PHE A 61 -24.55 8.45 -26.56
C PHE A 61 -25.68 8.69 -27.56
N ARG A 62 -25.40 8.39 -28.83
CA ARG A 62 -26.24 8.78 -29.97
C ARG A 62 -26.81 7.52 -30.62
N GLY A 63 -27.85 7.69 -31.41
CA GLY A 63 -28.51 6.56 -32.09
C GLY A 63 -27.87 6.23 -33.42
N TRP A 64 -28.49 5.28 -34.09
CA TRP A 64 -28.06 4.68 -35.37
C TRP A 64 -27.77 5.75 -36.42
N ASP A 65 -28.70 6.67 -36.68
CA ASP A 65 -28.55 7.63 -37.79
C ASP A 65 -27.29 8.48 -37.57
N ALA A 66 -27.06 8.92 -36.34
CA ALA A 66 -25.90 9.77 -36.00
C ALA A 66 -24.60 8.97 -36.20
N TYR A 67 -24.56 7.69 -35.82
CA TYR A 67 -23.34 6.85 -35.99
C TYR A 67 -23.13 6.54 -37.47
N ARG A 68 -24.20 6.47 -38.26
CA ARG A 68 -24.10 6.30 -39.72
C ARG A 68 -23.55 7.58 -40.36
N ASP A 69 -24.08 8.74 -40.01
CA ASP A 69 -23.88 10.00 -40.76
C ASP A 69 -22.73 10.82 -40.17
N GLY A 70 -22.34 10.59 -38.91
CA GLY A 70 -21.26 11.35 -38.25
C GLY A 70 -21.79 12.48 -37.40
N PHE A 71 -20.98 12.93 -36.44
CA PHE A 71 -21.34 14.04 -35.52
C PHE A 71 -20.06 14.63 -34.94
N GLY A 72 -20.22 15.80 -34.32
CA GLY A 72 -19.10 16.56 -33.74
C GLY A 72 -18.35 17.34 -34.78
N ARG A 73 -17.15 17.78 -34.47
CA ARG A 73 -16.37 18.68 -35.35
C ARG A 73 -14.99 18.07 -35.58
N LEU A 74 -14.49 18.25 -36.81
CA LEU A 74 -13.23 17.61 -37.25
C LEU A 74 -12.05 18.12 -36.41
N THR A 75 -12.14 19.34 -35.91
CA THR A 75 -11.08 20.01 -35.12
C THR A 75 -11.17 19.63 -33.64
N GLY A 76 -12.20 18.88 -33.24
CA GLY A 76 -12.38 18.48 -31.83
C GLY A 76 -12.85 17.03 -31.72
N GLU A 77 -13.76 16.78 -30.79
CA GLU A 77 -14.37 15.46 -30.57
C GLU A 77 -15.32 15.20 -31.74
N HIS A 78 -15.24 14.02 -32.34
CA HIS A 78 -16.13 13.69 -33.48
C HIS A 78 -16.15 12.20 -33.72
N TRP A 79 -17.13 11.81 -34.51
CA TRP A 79 -17.24 10.46 -35.13
C TRP A 79 -17.53 10.72 -36.60
N LEU A 80 -16.67 10.23 -37.49
CA LEU A 80 -16.72 10.63 -38.93
C LEU A 80 -17.99 10.05 -39.57
N GLY A 81 -18.51 8.95 -39.04
CA GLY A 81 -19.71 8.29 -39.61
C GLY A 81 -19.38 6.99 -40.33
N LEU A 82 -20.15 5.96 -40.03
CA LEU A 82 -19.89 4.59 -40.55
C LEU A 82 -20.03 4.57 -42.07
N LYS A 83 -20.88 5.42 -42.66
CA LYS A 83 -20.97 5.45 -44.14
C LYS A 83 -19.64 5.94 -44.73
N ARG A 84 -18.95 6.89 -44.08
CA ARG A 84 -17.64 7.41 -44.55
C ARG A 84 -16.56 6.39 -44.24
N ILE A 85 -16.60 5.75 -43.07
CA ILE A 85 -15.56 4.75 -42.69
C ILE A 85 -15.64 3.55 -43.63
N HIS A 86 -16.84 3.14 -43.99
CA HIS A 86 -17.06 2.08 -45.01
C HIS A 86 -16.42 2.51 -46.35
N ALA A 87 -16.73 3.71 -46.85
CA ALA A 87 -16.24 4.20 -48.16
C ALA A 87 -14.71 4.22 -48.16
N LEU A 88 -14.09 4.59 -47.03
CA LEU A 88 -12.62 4.63 -46.93
C LEU A 88 -12.06 3.20 -46.91
N THR A 89 -12.56 2.32 -46.06
CA THR A 89 -11.86 1.04 -45.75
C THR A 89 -12.11 -0.02 -46.84
N THR A 90 -13.11 0.15 -47.70
CA THR A 90 -13.38 -0.79 -48.83
C THR A 90 -12.56 -0.45 -50.07
N GLN A 91 -11.85 0.69 -50.13
CA GLN A 91 -11.24 1.16 -51.39
C GLN A 91 -9.78 0.68 -51.46
N ALA A 92 -9.24 0.19 -50.35
CA ALA A 92 -7.87 -0.37 -50.21
C ALA A 92 -7.79 -1.13 -48.89
N ALA A 93 -6.65 -1.76 -48.61
CA ALA A 93 -6.39 -2.49 -47.36
C ALA A 93 -5.85 -1.48 -46.37
N TYR A 94 -6.55 -1.22 -45.28
CA TYR A 94 -6.11 -0.24 -44.26
C TYR A 94 -5.64 -0.94 -42.98
N GLU A 95 -4.75 -0.26 -42.29
CA GLU A 95 -4.38 -0.57 -40.89
C GLU A 95 -5.08 0.46 -40.01
N LEU A 96 -5.32 0.10 -38.76
CA LEU A 96 -5.88 1.01 -37.74
C LEU A 96 -4.83 1.33 -36.68
N HIS A 97 -4.72 2.61 -36.33
CA HIS A 97 -3.95 3.09 -35.16
C HIS A 97 -4.91 3.74 -34.16
N VAL A 98 -4.80 3.32 -32.90
CA VAL A 98 -5.55 3.89 -31.75
C VAL A 98 -4.57 4.49 -30.76
N ASP A 99 -4.61 5.81 -30.59
CA ASP A 99 -3.86 6.55 -29.54
C ASP A 99 -4.77 6.76 -28.33
N LEU A 100 -4.22 6.55 -27.13
CA LEU A 100 -4.97 6.67 -25.84
C LEU A 100 -4.11 7.49 -24.88
N GLU A 101 -4.77 8.27 -24.03
CA GLU A 101 -4.11 9.03 -22.93
C GLU A 101 -4.99 8.97 -21.67
N ASP A 102 -4.38 8.78 -20.52
CA ASP A 102 -5.08 8.79 -19.20
C ASP A 102 -5.00 10.21 -18.61
N PHE A 103 -5.59 10.41 -17.44
CA PHE A 103 -5.63 11.74 -16.76
C PHE A 103 -4.32 11.99 -15.99
N GLU A 104 -3.38 11.04 -15.97
CA GLU A 104 -2.02 11.24 -15.39
C GLU A 104 -1.00 11.46 -16.52
N ASN A 105 -1.45 11.88 -17.71
CA ASN A 105 -0.66 12.13 -18.95
C ASN A 105 0.12 10.87 -19.41
N GLY A 106 -0.24 9.68 -18.94
CA GLY A 106 0.26 8.42 -19.53
C GLY A 106 -0.35 8.25 -20.91
N THR A 107 0.41 7.69 -21.86
CA THR A 107 -0.05 7.40 -23.25
C THR A 107 0.21 5.92 -23.57
N ALA A 108 -0.55 5.38 -24.52
CA ALA A 108 -0.35 4.03 -25.08
C ALA A 108 -1.02 4.01 -26.47
N TYR A 109 -0.69 3.01 -27.26
CA TYR A 109 -1.28 2.91 -28.61
C TYR A 109 -1.51 1.43 -28.93
N ALA A 110 -2.45 1.18 -29.83
CA ALA A 110 -2.71 -0.16 -30.38
C ALA A 110 -2.73 0.00 -31.90
N ARG A 111 -1.96 -0.84 -32.58
CA ARG A 111 -1.90 -0.90 -34.06
C ARG A 111 -2.50 -2.24 -34.49
N TYR A 112 -3.34 -2.20 -35.51
CA TYR A 112 -3.98 -3.39 -36.13
C TYR A 112 -3.64 -3.38 -37.61
N GLY A 113 -2.96 -4.43 -38.06
CA GLY A 113 -2.44 -4.55 -39.44
C GLY A 113 -3.56 -4.62 -40.47
N SER A 114 -4.78 -5.03 -40.08
CA SER A 114 -5.97 -4.96 -40.97
C SER A 114 -7.21 -4.46 -40.22
N PHE A 115 -7.98 -3.61 -40.89
CA PHE A 115 -9.17 -2.93 -40.33
C PHE A 115 -10.12 -2.60 -41.47
N GLY A 116 -11.39 -2.97 -41.31
CA GLY A 116 -12.47 -2.48 -42.19
C GLY A 116 -13.84 -2.57 -41.56
N VAL A 117 -14.80 -1.92 -42.20
CA VAL A 117 -16.20 -1.87 -41.73
C VAL A 117 -17.07 -2.19 -42.95
N GLY A 118 -17.89 -3.25 -42.83
CA GLY A 118 -18.84 -3.68 -43.88
C GLY A 118 -18.14 -4.08 -45.18
N LEU A 119 -16.96 -4.72 -45.11
CA LEU A 119 -16.04 -4.86 -46.27
C LEU A 119 -16.71 -5.53 -47.48
N PHE A 120 -17.55 -6.54 -47.27
CA PHE A 120 -18.18 -7.33 -48.37
C PHE A 120 -19.70 -7.23 -48.33
N SER A 121 -20.23 -6.34 -47.50
CA SER A 121 -21.69 -6.15 -47.30
C SER A 121 -22.30 -5.50 -48.55
N VAL A 122 -23.32 -6.08 -49.15
CA VAL A 122 -24.03 -5.44 -50.30
C VAL A 122 -24.67 -4.12 -49.83
N ASP A 123 -25.33 -4.14 -48.69
CA ASP A 123 -25.87 -2.93 -48.03
C ASP A 123 -25.21 -2.85 -46.66
N PRO A 124 -24.05 -2.17 -46.53
CA PRO A 124 -23.34 -2.12 -45.26
C PRO A 124 -24.20 -1.60 -44.10
N GLU A 125 -25.15 -0.68 -44.38
CA GLU A 125 -26.03 -0.17 -43.31
C GLU A 125 -26.95 -1.31 -42.82
N GLU A 126 -27.65 -2.00 -43.73
CA GLU A 126 -28.60 -3.10 -43.33
C GLU A 126 -27.80 -4.19 -42.61
N ASP A 127 -26.58 -4.47 -43.08
CA ASP A 127 -25.71 -5.56 -42.55
C ASP A 127 -25.05 -5.13 -41.22
N GLY A 128 -25.20 -3.87 -40.80
CA GLY A 128 -24.72 -3.40 -39.48
C GLY A 128 -23.23 -3.10 -39.45
N TYR A 129 -22.65 -2.69 -40.59
CA TYR A 129 -21.26 -2.21 -40.69
C TYR A 129 -20.31 -3.11 -39.90
N PRO A 130 -20.32 -4.44 -40.16
CA PRO A 130 -19.52 -5.37 -39.37
C PRO A 130 -18.01 -5.12 -39.43
N LEU A 131 -17.35 -5.38 -38.32
CA LEU A 131 -15.92 -5.09 -38.09
C LEU A 131 -15.05 -6.22 -38.64
N THR A 132 -14.04 -5.86 -39.43
CA THR A 132 -12.85 -6.67 -39.75
C THR A 132 -11.67 -6.07 -38.99
N VAL A 133 -11.00 -6.85 -38.14
CA VAL A 133 -9.77 -6.35 -37.47
C VAL A 133 -8.87 -7.54 -37.12
N ALA A 134 -7.57 -7.38 -37.30
CA ALA A 134 -6.55 -8.43 -37.08
C ALA A 134 -5.17 -7.82 -36.89
N ASP A 135 -4.24 -8.61 -36.33
CA ASP A 135 -2.79 -8.31 -36.34
C ASP A 135 -2.47 -7.15 -35.38
N TYR A 136 -2.66 -7.39 -34.09
CA TYR A 136 -2.37 -6.41 -33.01
C TYR A 136 -0.86 -6.25 -32.78
N SER A 137 -0.43 -5.03 -32.52
CA SER A 137 0.88 -4.68 -31.92
C SER A 137 0.74 -3.35 -31.18
N GLY A 138 1.60 -3.10 -30.18
CA GLY A 138 1.71 -1.79 -29.52
C GLY A 138 1.81 -1.93 -28.02
N THR A 139 1.44 -0.87 -27.30
CA THR A 139 1.70 -0.69 -25.85
C THR A 139 0.41 -0.70 -25.02
N ALA A 140 -0.75 -0.48 -25.64
CA ALA A 140 -2.04 -0.36 -24.92
C ALA A 140 -2.61 -1.75 -24.64
N GLY A 141 -2.06 -2.78 -25.28
CA GLY A 141 -2.63 -4.13 -25.29
C GLY A 141 -3.80 -4.21 -26.26
N ASP A 142 -4.22 -5.42 -26.58
CA ASP A 142 -5.32 -5.64 -27.54
C ASP A 142 -6.64 -5.60 -26.79
N SER A 143 -7.54 -4.67 -27.13
CA SER A 143 -8.94 -4.67 -26.64
C SER A 143 -9.93 -4.66 -27.82
N LEU A 144 -9.51 -5.04 -29.03
CA LEU A 144 -10.42 -5.01 -30.20
C LEU A 144 -10.58 -6.37 -30.88
N LEU A 145 -9.64 -7.29 -30.79
CA LEU A 145 -9.69 -8.53 -31.61
C LEU A 145 -10.97 -9.32 -31.31
N LYS A 146 -11.47 -9.31 -30.07
CA LYS A 146 -12.66 -10.11 -29.69
C LYS A 146 -13.91 -9.53 -30.34
N HIS A 147 -13.85 -8.27 -30.80
CA HIS A 147 -14.97 -7.57 -31.49
C HIS A 147 -14.98 -7.91 -32.99
N SER A 148 -13.91 -8.51 -33.53
CA SER A 148 -13.86 -8.87 -34.97
C SER A 148 -15.09 -9.72 -35.33
N GLY A 149 -15.79 -9.36 -36.40
CA GLY A 149 -16.96 -10.07 -36.94
C GLY A 149 -18.26 -9.53 -36.40
N MET A 150 -18.23 -8.63 -35.40
CA MET A 150 -19.48 -8.14 -34.77
C MET A 150 -20.01 -6.97 -35.60
N ARG A 151 -21.32 -6.85 -35.65
CA ARG A 151 -22.03 -5.68 -36.24
C ARG A 151 -21.95 -4.53 -35.25
N PHE A 152 -22.20 -3.33 -35.74
CA PHE A 152 -22.23 -2.11 -34.91
C PHE A 152 -23.62 -2.03 -34.27
N THR A 153 -23.66 -1.79 -32.96
CA THR A 153 -24.89 -1.72 -32.14
C THR A 153 -24.97 -0.34 -31.47
N THR A 154 -26.14 0.30 -31.55
CA THR A 154 -26.49 1.57 -30.88
C THR A 154 -27.70 1.34 -29.95
N LYS A 155 -27.98 2.32 -29.11
CA LYS A 155 -29.11 2.25 -28.13
C LYS A 155 -30.44 1.93 -28.82
N ASP A 156 -30.59 2.26 -30.11
CA ASP A 156 -31.87 2.12 -30.85
C ASP A 156 -31.77 1.08 -31.95
N ARG A 157 -30.71 0.27 -32.00
CA ARG A 157 -30.55 -0.78 -33.04
C ARG A 157 -29.58 -1.86 -32.56
N ASP A 158 -30.15 -2.97 -32.09
CA ASP A 158 -29.42 -4.03 -31.37
C ASP A 158 -29.04 -5.16 -32.35
N SER A 159 -27.74 -5.39 -32.57
CA SER A 159 -27.20 -6.50 -33.40
C SER A 159 -26.12 -7.28 -32.62
N ASP A 160 -26.10 -7.19 -31.30
CA ASP A 160 -25.02 -7.77 -30.47
C ASP A 160 -25.40 -9.22 -30.11
N HIS A 161 -24.54 -9.88 -29.31
CA HIS A 161 -24.74 -11.29 -28.87
C HIS A 161 -25.20 -11.32 -27.41
N SER A 162 -25.90 -10.29 -26.96
CA SER A 162 -26.37 -10.16 -25.57
C SER A 162 -27.90 -10.20 -25.56
N GLU A 163 -28.48 -10.74 -24.48
CA GLU A 163 -29.96 -10.80 -24.25
C GLU A 163 -30.49 -9.37 -24.12
N ASN A 164 -29.67 -8.42 -23.66
CA ASN A 164 -30.05 -6.99 -23.64
C ASN A 164 -29.22 -6.23 -24.69
N ASN A 165 -29.38 -4.91 -24.70
CA ASN A 165 -28.72 -4.01 -25.67
C ASN A 165 -27.42 -3.49 -25.01
N CYS A 166 -26.27 -3.96 -25.50
CA CYS A 166 -24.92 -3.64 -24.98
C CYS A 166 -24.71 -2.12 -25.01
N ALA A 167 -25.18 -1.43 -26.06
CA ALA A 167 -25.02 0.03 -26.24
C ALA A 167 -25.77 0.78 -25.12
N ALA A 168 -27.02 0.40 -24.85
CA ALA A 168 -27.83 0.95 -23.75
C ALA A 168 -27.10 0.68 -22.43
N PHE A 169 -26.73 -0.56 -22.18
CA PHE A 169 -26.17 -1.00 -20.89
C PHE A 169 -24.84 -0.28 -20.63
N TYR A 170 -23.96 -0.16 -21.64
CA TYR A 170 -22.61 0.42 -21.43
C TYR A 170 -22.53 1.83 -22.01
N ARG A 171 -23.68 2.46 -22.28
CA ARG A 171 -23.85 3.89 -22.62
C ARG A 171 -22.84 4.31 -23.71
N GLY A 172 -22.83 3.56 -24.80
CA GLY A 172 -21.94 3.80 -25.94
C GLY A 172 -22.55 3.32 -27.24
N ALA A 173 -21.68 3.02 -28.20
CA ALA A 173 -22.00 2.52 -29.56
C ALA A 173 -20.73 1.86 -30.06
N TRP A 174 -20.81 0.60 -30.44
CA TRP A 174 -19.60 -0.21 -30.71
C TRP A 174 -20.01 -1.48 -31.43
N TRP A 175 -19.00 -2.24 -31.83
CA TRP A 175 -19.15 -3.59 -32.43
C TRP A 175 -19.25 -4.59 -31.29
N TYR A 176 -20.28 -4.44 -30.46
CA TYR A 176 -20.46 -5.18 -29.19
C TYR A 176 -20.68 -6.68 -29.47
N ARG A 177 -20.07 -7.52 -28.65
CA ARG A 177 -20.36 -8.98 -28.59
C ARG A 177 -21.26 -9.19 -27.36
N ASN A 178 -20.66 -9.46 -26.19
CA ASN A 178 -21.45 -9.76 -24.96
C ASN A 178 -20.63 -9.44 -23.72
N CYS A 179 -20.18 -8.18 -23.54
CA CYS A 179 -20.47 -7.06 -24.42
C CYS A 179 -19.19 -6.47 -25.02
N HIS A 180 -18.15 -6.17 -24.22
CA HIS A 180 -16.95 -5.51 -24.78
C HIS A 180 -15.68 -5.72 -23.96
N THR A 181 -14.55 -5.51 -24.65
CA THR A 181 -13.19 -5.26 -24.11
C THR A 181 -12.77 -3.81 -24.37
N SER A 182 -13.43 -3.11 -25.29
CA SER A 182 -13.19 -1.67 -25.58
C SER A 182 -14.52 -0.94 -25.74
N ASN A 183 -14.56 0.35 -25.38
CA ASN A 183 -15.80 1.15 -25.39
C ASN A 183 -15.46 2.62 -25.63
N LEU A 184 -14.71 2.93 -26.70
CA LEU A 184 -14.13 4.29 -26.86
C LEU A 184 -15.20 5.34 -27.18
N ASN A 185 -16.42 4.91 -27.51
CA ASN A 185 -17.56 5.86 -27.71
C ASN A 185 -18.42 5.93 -26.44
N GLY A 186 -17.90 5.45 -25.31
CA GLY A 186 -18.62 5.46 -24.02
C GLY A 186 -18.70 6.85 -23.39
N GLN A 187 -19.32 6.94 -22.21
CA GLN A 187 -19.52 8.25 -21.52
C GLN A 187 -18.15 8.81 -21.11
N TYR A 188 -17.98 10.13 -21.22
CA TYR A 188 -16.75 10.84 -20.77
C TYR A 188 -16.81 11.02 -19.26
N LEU A 189 -16.46 9.98 -18.49
CA LEU A 189 -16.66 9.92 -17.02
C LEU A 189 -15.42 10.45 -16.27
N ARG A 190 -14.30 10.66 -16.96
CA ARG A 190 -13.09 11.35 -16.41
C ARG A 190 -12.40 10.48 -15.36
N GLY A 191 -11.72 9.43 -15.78
CA GLY A 191 -10.84 8.59 -14.94
C GLY A 191 -11.62 7.50 -14.22
N ALA A 192 -11.22 7.19 -12.98
CA ALA A 192 -11.75 6.05 -12.21
C ALA A 192 -13.22 6.34 -11.95
N HIS A 193 -14.08 5.33 -12.10
CA HIS A 193 -15.54 5.46 -11.87
C HIS A 193 -16.09 4.17 -11.28
N ALA A 194 -17.16 4.29 -10.48
CA ALA A 194 -17.80 3.18 -9.75
C ALA A 194 -18.64 2.34 -10.73
N SER A 195 -19.37 3.01 -11.62
CA SER A 195 -20.21 2.35 -12.66
C SER A 195 -19.34 1.39 -13.50
N TYR A 196 -19.91 0.27 -13.95
CA TYR A 196 -19.10 -0.80 -14.58
C TYR A 196 -19.06 -0.58 -16.09
N ALA A 197 -17.87 -0.29 -16.61
CA ALA A 197 -17.45 -0.44 -18.02
C ALA A 197 -18.23 0.49 -18.96
N ASP A 198 -18.75 1.62 -18.48
CA ASP A 198 -19.68 2.48 -19.27
C ASP A 198 -19.02 3.81 -19.60
N GLY A 199 -17.70 3.90 -19.44
CA GLY A 199 -16.92 5.08 -19.84
C GLY A 199 -16.11 4.81 -21.09
N VAL A 200 -15.09 5.63 -21.34
CA VAL A 200 -14.17 5.50 -22.50
C VAL A 200 -13.13 4.45 -22.11
N GLU A 201 -13.47 3.16 -22.26
CA GLU A 201 -12.68 2.05 -21.70
C GLU A 201 -11.80 1.41 -22.79
N TRP A 202 -10.57 1.06 -22.41
CA TRP A 202 -9.66 0.15 -23.15
C TRP A 202 -9.12 -0.86 -22.13
N SER A 203 -9.84 -1.96 -21.97
CA SER A 203 -9.75 -2.82 -20.76
C SER A 203 -8.32 -3.35 -20.57
N SER A 204 -7.60 -3.61 -21.65
CA SER A 204 -6.26 -4.26 -21.65
C SER A 204 -5.23 -3.28 -21.10
N TRP A 205 -5.48 -1.97 -21.16
CA TRP A 205 -4.57 -0.93 -20.60
C TRP A 205 -5.05 -0.51 -19.21
N THR A 206 -6.29 -0.02 -19.07
CA THR A 206 -6.75 0.70 -17.85
C THR A 206 -7.95 0.00 -17.22
N GLY A 207 -8.32 -1.20 -17.67
CA GLY A 207 -9.43 -1.99 -17.08
C GLY A 207 -10.81 -1.47 -17.46
N TRP A 208 -11.82 -1.87 -16.69
CA TRP A 208 -13.25 -1.70 -17.01
C TRP A 208 -13.87 -0.56 -16.19
N GLN A 209 -13.10 0.12 -15.34
CA GLN A 209 -13.63 1.22 -14.48
C GLN A 209 -12.70 2.43 -14.58
N TYR A 210 -12.23 2.75 -15.78
CA TYR A 210 -11.36 3.92 -15.99
C TYR A 210 -11.68 4.54 -17.35
N SER A 211 -12.27 5.73 -17.35
CA SER A 211 -12.66 6.47 -18.57
C SER A 211 -11.49 7.34 -19.00
N LEU A 212 -10.92 7.01 -20.15
CA LEU A 212 -9.68 7.65 -20.64
C LEU A 212 -9.95 9.10 -20.96
N LYS A 213 -8.88 9.88 -20.97
CA LYS A 213 -8.94 11.34 -21.24
C LYS A 213 -9.03 11.59 -22.76
N PHE A 214 -8.26 10.83 -23.53
CA PHE A 214 -8.04 11.08 -24.98
C PHE A 214 -8.09 9.74 -25.69
N SER A 215 -8.77 9.71 -26.84
CA SER A 215 -8.73 8.60 -27.81
C SER A 215 -8.74 9.18 -29.22
N GLU A 216 -7.96 8.57 -30.10
CA GLU A 216 -8.02 8.86 -31.55
C GLU A 216 -7.91 7.54 -32.31
N MET A 217 -8.86 7.28 -33.19
CA MET A 217 -8.89 6.11 -34.08
C MET A 217 -8.67 6.62 -35.50
N LYS A 218 -7.75 6.00 -36.21
CA LYS A 218 -7.30 6.54 -37.51
C LYS A 218 -6.78 5.40 -38.38
N ILE A 219 -6.83 5.60 -39.68
CA ILE A 219 -6.52 4.51 -40.65
C ILE A 219 -5.52 5.01 -41.69
N ARG A 220 -4.77 4.05 -42.25
CA ARG A 220 -3.74 4.29 -43.28
C ARG A 220 -3.64 3.06 -44.14
N PRO A 221 -3.53 3.21 -45.48
CA PRO A 221 -3.37 2.05 -46.36
C PRO A 221 -2.14 1.22 -45.97
N VAL A 222 -2.29 -0.11 -45.87
CA VAL A 222 -1.24 -1.09 -45.45
C VAL A 222 0.00 -0.86 -46.31
N SER B 4 27.07 14.11 21.37
CA SER B 4 26.09 15.25 21.39
C SER B 4 24.74 14.75 21.92
N ARG B 5 24.03 13.90 21.15
CA ARG B 5 22.69 13.36 21.48
C ARG B 5 22.69 11.84 21.32
N PRO B 6 23.40 11.11 22.21
CA PRO B 6 23.29 9.64 22.24
C PRO B 6 21.85 9.20 22.52
N ARG B 7 21.38 8.13 21.85
CA ARG B 7 19.98 7.65 21.99
C ARG B 7 19.87 6.67 23.18
N ASP B 8 21.01 6.15 23.63
CA ASP B 8 21.09 5.14 24.72
C ASP B 8 22.53 5.02 25.19
N CYS B 9 22.77 4.15 26.16
CA CYS B 9 24.11 3.93 26.75
C CYS B 9 25.10 3.33 25.74
N LEU B 10 24.64 2.66 24.69
CA LEU B 10 25.60 2.09 23.68
C LEU B 10 26.18 3.27 22.89
N ASP B 11 25.37 4.27 22.55
CA ASP B 11 25.86 5.50 21.88
C ASP B 11 26.84 6.19 22.83
N VAL B 12 26.53 6.22 24.12
CA VAL B 12 27.40 6.86 25.15
C VAL B 12 28.76 6.16 25.14
N LEU B 13 28.75 4.83 25.20
CA LEU B 13 30.01 4.04 25.25
C LEU B 13 30.82 4.29 23.96
N LEU B 14 30.19 4.16 22.80
CA LEU B 14 30.89 4.28 21.49
C LEU B 14 31.43 5.70 21.29
N SER B 15 30.85 6.74 21.91
CA SER B 15 31.38 8.12 21.90
C SER B 15 32.66 8.26 22.76
N GLY B 16 33.01 7.25 23.56
CA GLY B 16 34.28 7.20 24.31
C GLY B 16 34.10 7.27 25.82
N GLN B 17 32.87 7.20 26.33
CA GLN B 17 32.60 7.26 27.79
C GLN B 17 32.59 5.83 28.33
N GLN B 18 33.65 5.43 29.01
CA GLN B 18 33.90 4.00 29.37
C GLN B 18 33.51 3.70 30.81
N ASP B 19 33.20 4.70 31.63
CA ASP B 19 32.89 4.50 33.07
C ASP B 19 31.39 4.23 33.26
N ASP B 20 31.06 3.23 34.07
CA ASP B 20 29.70 3.04 34.66
C ASP B 20 29.27 4.36 35.27
N GLY B 21 27.98 4.70 35.21
CA GLY B 21 27.45 5.89 35.90
C GLY B 21 26.24 6.46 35.18
N VAL B 22 25.91 7.70 35.53
CA VAL B 22 24.68 8.40 35.09
C VAL B 22 25.03 9.25 33.87
N TYR B 23 24.32 9.04 32.78
CA TYR B 23 24.47 9.86 31.55
C TYR B 23 23.10 10.27 31.01
N SER B 24 23.10 11.34 30.23
CA SER B 24 21.97 11.88 29.46
C SER B 24 21.81 11.06 28.19
N VAL B 25 20.59 10.63 27.91
CA VAL B 25 20.24 9.97 26.62
C VAL B 25 19.01 10.65 26.04
N PHE B 26 18.78 10.48 24.74
CA PHE B 26 17.80 11.27 23.95
C PHE B 26 17.11 10.34 22.97
N PRO B 27 16.09 9.58 23.40
CA PRO B 27 15.43 8.64 22.50
C PRO B 27 14.75 9.41 21.36
N THR B 28 14.62 8.75 20.22
CA THR B 28 14.03 9.30 18.97
C THR B 28 12.75 10.10 19.26
N HIS B 29 11.80 9.54 20.03
CA HIS B 29 10.47 10.17 20.25
C HIS B 29 10.34 10.73 21.66
N TYR B 30 11.47 10.95 22.34
CA TYR B 30 11.54 11.62 23.66
C TYR B 30 12.70 12.61 23.61
N PRO B 31 12.64 13.62 22.73
CA PRO B 31 13.82 14.44 22.42
C PRO B 31 14.30 15.30 23.59
N ALA B 32 13.46 15.59 24.60
CA ALA B 32 13.90 16.27 25.85
C ALA B 32 15.02 15.42 26.50
N GLY B 33 14.93 14.11 26.32
CA GLY B 33 15.87 13.14 26.90
C GLY B 33 15.69 13.00 28.39
N PHE B 34 16.54 12.21 29.01
CA PHE B 34 16.52 11.99 30.47
C PHE B 34 17.82 11.30 30.85
N GLN B 35 18.05 11.19 32.15
CA GLN B 35 19.27 10.53 32.65
C GLN B 35 18.96 9.07 32.94
N VAL B 36 19.97 8.23 32.76
CA VAL B 36 19.90 6.78 33.02
C VAL B 36 21.22 6.36 33.64
N TYR B 37 21.22 5.19 34.26
CA TYR B 37 22.46 4.52 34.68
C TYR B 37 22.91 3.61 33.53
N CYS B 38 24.18 3.75 33.12
CA CYS B 38 24.84 2.96 32.05
C CYS B 38 25.79 1.96 32.70
N ASP B 39 25.64 0.71 32.29
CA ASP B 39 26.55 -0.40 32.64
C ASP B 39 27.52 -0.54 31.47
N MET B 40 28.74 -0.08 31.67
CA MET B 40 29.79 -0.06 30.61
C MET B 40 30.72 -1.28 30.72
N ARG B 41 30.36 -2.32 31.47
CA ARG B 41 31.26 -3.49 31.71
C ARG B 41 30.66 -4.78 31.11
N THR B 42 29.38 -5.05 31.35
CA THR B 42 28.73 -6.35 31.05
C THR B 42 28.84 -6.65 29.56
N ASP B 43 29.47 -7.78 29.21
CA ASP B 43 29.60 -8.26 27.81
C ASP B 43 30.07 -7.13 26.90
N GLY B 44 31.04 -6.33 27.33
CA GLY B 44 31.62 -5.23 26.54
C GLY B 44 30.97 -3.88 26.82
N GLY B 45 29.82 -3.83 27.51
CA GLY B 45 29.21 -2.56 27.96
C GLY B 45 28.16 -2.00 27.01
N GLY B 46 27.60 -0.83 27.37
CA GLY B 46 26.59 -0.11 26.58
C GLY B 46 25.17 -0.48 26.96
N TRP B 47 24.94 -0.95 28.17
CA TRP B 47 23.61 -1.37 28.68
C TRP B 47 22.95 -0.20 29.40
N THR B 48 21.69 0.08 29.05
CA THR B 48 20.84 1.10 29.70
C THR B 48 20.02 0.40 30.78
N VAL B 49 20.30 0.66 32.04
CA VAL B 49 19.53 0.06 33.19
C VAL B 49 18.13 0.68 33.24
N PHE B 50 17.11 -0.11 33.55
CA PHE B 50 15.74 0.42 33.82
C PHE B 50 15.20 -0.11 35.15
N GLN B 51 15.89 -1.03 35.81
CA GLN B 51 15.42 -1.60 37.11
C GLN B 51 16.64 -2.04 37.91
N ARG B 52 16.62 -1.75 39.21
CA ARG B 52 17.65 -2.21 40.16
C ARG B 52 17.03 -2.43 41.53
N ARG B 53 17.31 -3.60 42.11
CA ARG B 53 17.10 -3.93 43.54
C ARG B 53 18.48 -4.25 44.11
N GLU B 54 18.77 -3.83 45.34
CA GLU B 54 20.11 -4.09 45.95
C GLU B 54 20.04 -4.06 47.48
N ASP B 55 19.03 -3.47 48.12
CA ASP B 55 19.05 -3.32 49.59
C ASP B 55 17.66 -3.15 50.24
N GLY B 56 16.56 -3.09 49.48
CA GLY B 56 15.22 -2.93 50.07
C GLY B 56 14.95 -1.51 50.56
N SER B 57 15.75 -0.53 50.16
CA SER B 57 15.63 0.87 50.64
C SER B 57 14.43 1.56 49.97
N VAL B 58 13.98 1.08 48.81
CA VAL B 58 12.91 1.76 48.02
C VAL B 58 11.66 0.88 48.02
N ASN B 59 10.50 1.51 48.19
CA ASN B 59 9.18 0.84 48.07
C ASN B 59 8.86 0.55 46.59
N PHE B 60 8.72 -0.72 46.23
CA PHE B 60 8.37 -1.17 44.86
C PHE B 60 6.90 -1.54 44.77
N PHE B 61 6.18 -1.50 45.88
CA PHE B 61 4.72 -1.81 45.85
C PHE B 61 3.96 -0.53 45.53
N ARG B 62 4.16 -0.06 44.30
CA ARG B 62 3.63 1.22 43.79
C ARG B 62 2.52 0.97 42.77
N GLY B 63 1.74 2.02 42.51
CA GLY B 63 0.62 2.02 41.57
C GLY B 63 1.02 2.29 40.13
N TRP B 64 0.03 2.27 39.26
CA TRP B 64 0.15 2.51 37.81
C TRP B 64 0.97 3.78 37.52
N ASP B 65 0.61 4.91 38.12
CA ASP B 65 1.25 6.20 37.75
C ASP B 65 2.76 6.10 38.03
N ALA B 66 3.13 5.52 39.18
CA ALA B 66 4.54 5.40 39.61
C ALA B 66 5.30 4.48 38.63
N TYR B 67 4.67 3.37 38.21
CA TYR B 67 5.31 2.42 37.25
C TYR B 67 5.39 3.05 35.86
N ARG B 68 4.50 3.99 35.55
CA ARG B 68 4.54 4.73 34.25
C ARG B 68 5.68 5.75 34.29
N ASP B 69 5.77 6.52 35.37
CA ASP B 69 6.63 7.74 35.43
C ASP B 69 8.00 7.43 36.06
N GLY B 70 8.15 6.30 36.73
CA GLY B 70 9.43 5.92 37.35
C GLY B 70 9.54 6.39 38.79
N PHE B 71 10.43 5.79 39.56
CA PHE B 71 10.65 6.15 40.99
C PHE B 71 12.04 5.67 41.43
N GLY B 72 12.45 6.08 42.61
CA GLY B 72 13.78 5.78 43.17
C GLY B 72 14.84 6.66 42.57
N ARG B 73 16.09 6.25 42.70
CA ARG B 73 17.28 7.04 42.34
C ARG B 73 18.20 6.24 41.43
N LEU B 74 18.74 6.90 40.40
CA LEU B 74 19.51 6.23 39.32
C LEU B 74 20.76 5.55 39.89
N THR B 75 21.30 6.05 41.00
CA THR B 75 22.51 5.55 41.68
C THR B 75 22.19 4.42 42.64
N GLY B 76 20.92 4.07 42.80
CA GLY B 76 20.51 3.06 43.79
C GLY B 76 19.37 2.25 43.25
N GLU B 77 18.42 1.91 44.11
CA GLU B 77 17.23 1.14 43.69
C GLU B 77 16.34 2.06 42.86
N HIS B 78 15.81 1.58 41.72
CA HIS B 78 14.91 2.43 40.91
C HIS B 78 14.18 1.61 39.87
N TRP B 79 13.17 2.25 39.33
CA TRP B 79 12.37 1.84 38.16
C TRP B 79 12.32 3.03 37.23
N LEU B 80 12.85 2.91 36.01
CA LEU B 80 13.06 4.07 35.12
C LEU B 80 11.71 4.63 34.65
N GLY B 81 10.66 3.80 34.64
CA GLY B 81 9.33 4.20 34.16
C GLY B 81 9.01 3.64 32.80
N LEU B 82 7.80 3.08 32.64
CA LEU B 82 7.40 2.41 31.37
C LEU B 82 7.35 3.41 30.21
N LYS B 83 7.06 4.69 30.47
CA LYS B 83 7.07 5.71 29.37
C LYS B 83 8.50 5.81 28.81
N ARG B 84 9.53 5.75 29.66
CA ARG B 84 10.94 5.82 29.21
C ARG B 84 11.34 4.48 28.58
N ILE B 85 10.92 3.36 29.17
CA ILE B 85 11.31 2.04 28.62
C ILE B 85 10.66 1.90 27.23
N HIS B 86 9.43 2.39 27.08
CA HIS B 86 8.75 2.43 25.76
C HIS B 86 9.55 3.30 24.78
N ALA B 87 9.94 4.51 25.16
CA ALA B 87 10.68 5.44 24.28
C ALA B 87 11.99 4.78 23.83
N LEU B 88 12.67 4.08 24.74
CA LEU B 88 13.94 3.41 24.42
C LEU B 88 13.67 2.23 23.46
N THR B 89 12.79 1.31 23.82
CA THR B 89 12.70 -0.01 23.12
C THR B 89 11.98 0.12 21.77
N THR B 90 11.29 1.23 21.46
CA THR B 90 10.61 1.43 20.14
C THR B 90 11.58 2.04 19.11
N GLN B 91 12.71 2.62 19.52
CA GLN B 91 13.60 3.39 18.62
C GLN B 91 14.55 2.45 17.85
N ALA B 92 14.75 1.22 18.30
CA ALA B 92 15.62 0.20 17.68
C ALA B 92 15.27 -1.19 18.26
N ALA B 93 15.86 -2.26 17.73
CA ALA B 93 15.68 -3.63 18.28
C ALA B 93 16.64 -3.80 19.45
N TYR B 94 16.13 -4.01 20.67
CA TYR B 94 16.98 -4.20 21.88
C TYR B 94 16.93 -5.64 22.38
N GLU B 95 18.03 -6.03 23.02
CA GLU B 95 18.09 -7.23 23.87
C GLU B 95 18.00 -6.80 25.34
N LEU B 96 17.55 -7.71 26.18
CA LEU B 96 17.42 -7.53 27.64
C LEU B 96 18.46 -8.41 28.32
N HIS B 97 19.16 -7.84 29.27
CA HIS B 97 20.05 -8.60 30.19
C HIS B 97 19.50 -8.43 31.61
N VAL B 98 19.39 -9.54 32.35
CA VAL B 98 18.98 -9.57 33.78
C VAL B 98 20.14 -10.16 34.57
N ASP B 99 20.75 -9.36 35.45
CA ASP B 99 21.78 -9.80 36.42
C ASP B 99 21.09 -10.06 37.76
N LEU B 100 21.38 -11.20 38.39
CA LEU B 100 20.79 -11.62 39.69
C LEU B 100 21.92 -12.05 40.64
N GLU B 101 21.78 -11.74 41.92
CA GLU B 101 22.67 -12.24 43.00
C GLU B 101 21.79 -12.70 44.16
N ASP B 102 22.20 -13.79 44.81
CA ASP B 102 21.57 -14.27 46.07
C ASP B 102 22.36 -13.69 47.24
N PHE B 103 22.03 -14.11 48.47
CA PHE B 103 22.71 -13.65 49.71
C PHE B 103 23.93 -14.54 50.03
N GLU B 104 24.32 -15.45 49.13
CA GLU B 104 25.42 -16.43 49.35
C GLU B 104 26.55 -16.24 48.33
N ASN B 105 26.73 -15.04 47.78
CA ASN B 105 27.77 -14.72 46.75
C ASN B 105 27.53 -15.49 45.45
N GLY B 106 26.34 -16.05 45.23
CA GLY B 106 25.98 -16.66 43.94
C GLY B 106 25.45 -15.60 42.97
N THR B 107 25.81 -15.70 41.70
CA THR B 107 25.33 -14.78 40.64
C THR B 107 24.85 -15.61 39.44
N ALA B 108 23.90 -15.07 38.67
CA ALA B 108 23.38 -15.70 37.45
C ALA B 108 22.82 -14.59 36.58
N TYR B 109 22.56 -14.89 35.31
CA TYR B 109 21.99 -13.91 34.38
C TYR B 109 21.06 -14.63 33.42
N ALA B 110 20.17 -13.85 32.85
CA ALA B 110 19.29 -14.26 31.73
C ALA B 110 19.39 -13.18 30.65
N ARG B 111 19.57 -13.62 29.41
CA ARG B 111 19.70 -12.76 28.22
C ARG B 111 18.53 -13.09 27.32
N TYR B 112 17.85 -12.06 26.84
CA TYR B 112 16.76 -12.22 25.84
C TYR B 112 17.16 -11.42 24.60
N GLY B 113 17.26 -12.10 23.45
CA GLY B 113 17.71 -11.50 22.18
C GLY B 113 16.73 -10.45 21.67
N SER B 114 15.48 -10.48 22.13
CA SER B 114 14.43 -9.52 21.74
C SER B 114 13.67 -9.05 22.98
N PHE B 115 13.44 -7.75 23.13
CA PHE B 115 12.73 -7.17 24.30
C PHE B 115 12.13 -5.82 23.91
N GLY B 116 10.87 -5.60 24.31
CA GLY B 116 10.21 -4.29 24.12
C GLY B 116 8.99 -4.16 24.98
N VAL B 117 8.50 -2.94 25.17
CA VAL B 117 7.20 -2.71 25.83
C VAL B 117 6.36 -1.78 24.95
N GLY B 118 5.10 -2.17 24.76
CA GLY B 118 4.11 -1.48 23.91
C GLY B 118 4.62 -1.22 22.50
N LEU B 119 5.32 -2.16 21.87
CA LEU B 119 6.13 -1.86 20.65
C LEU B 119 5.37 -1.19 19.47
N PHE B 120 4.16 -1.62 19.15
CA PHE B 120 3.39 -1.07 18.00
C PHE B 120 2.08 -0.45 18.49
N SER B 121 1.95 -0.28 19.81
CA SER B 121 0.77 0.35 20.46
C SER B 121 0.68 1.82 20.03
N VAL B 122 -0.47 2.25 19.53
CA VAL B 122 -0.70 3.70 19.23
C VAL B 122 -0.74 4.45 20.56
N ASP B 123 -1.41 3.88 21.58
CA ASP B 123 -1.45 4.44 22.95
C ASP B 123 -0.86 3.37 23.88
N PRO B 124 0.48 3.36 24.07
CA PRO B 124 1.12 2.29 24.84
C PRO B 124 0.60 2.23 26.29
N GLU B 125 0.29 3.37 26.89
CA GLU B 125 -0.25 3.43 28.27
C GLU B 125 -1.62 2.74 28.33
N GLU B 126 -2.57 3.13 27.48
CA GLU B 126 -3.91 2.48 27.45
C GLU B 126 -3.76 0.98 27.19
N ASP B 127 -2.82 0.61 26.32
CA ASP B 127 -2.58 -0.79 25.86
C ASP B 127 -1.87 -1.58 26.97
N GLY B 128 -1.44 -0.92 28.05
CA GLY B 128 -0.82 -1.59 29.22
C GLY B 128 0.64 -1.94 29.02
N TYR B 129 1.36 -1.25 28.13
CA TYR B 129 2.81 -1.47 27.92
C TYR B 129 3.10 -2.96 27.80
N PRO B 130 2.40 -3.69 26.90
CA PRO B 130 2.56 -5.13 26.78
C PRO B 130 4.00 -5.55 26.46
N LEU B 131 4.40 -6.66 27.05
CA LEU B 131 5.78 -7.18 26.94
C LEU B 131 5.97 -7.94 25.62
N THR B 132 7.04 -7.64 24.91
CA THR B 132 7.62 -8.49 23.86
C THR B 132 8.94 -9.02 24.41
N VAL B 133 9.10 -10.33 24.46
CA VAL B 133 10.37 -10.93 24.94
C VAL B 133 10.56 -12.29 24.26
N ALA B 134 11.76 -12.53 23.74
CA ALA B 134 12.07 -13.78 23.02
C ALA B 134 13.58 -14.10 23.11
N ASP B 135 13.91 -15.37 22.85
CA ASP B 135 15.29 -15.81 22.49
C ASP B 135 16.15 -15.77 23.75
N TYR B 136 15.83 -16.65 24.69
CA TYR B 136 16.52 -16.79 25.99
C TYR B 136 17.84 -17.56 25.82
N SER B 137 18.86 -17.10 26.55
CA SER B 137 20.03 -17.91 26.95
C SER B 137 20.51 -17.36 28.29
N GLY B 138 21.18 -18.19 29.09
CA GLY B 138 21.86 -17.69 30.30
C GLY B 138 22.03 -18.79 31.33
N THR B 139 22.37 -18.39 32.55
CA THR B 139 22.67 -19.31 33.67
C THR B 139 21.58 -19.26 34.75
N ALA B 140 20.64 -18.31 34.70
CA ALA B 140 19.59 -18.14 35.73
C ALA B 140 18.39 -19.04 35.41
N GLY B 141 18.33 -19.60 34.20
CA GLY B 141 17.12 -20.24 33.68
C GLY B 141 16.16 -19.17 33.17
N ASP B 142 15.22 -19.54 32.33
CA ASP B 142 14.18 -18.62 31.80
C ASP B 142 13.02 -18.51 32.79
N SER B 143 12.74 -17.30 33.28
CA SER B 143 11.54 -17.01 34.11
C SER B 143 10.75 -15.85 33.51
N LEU B 144 10.96 -15.52 32.23
CA LEU B 144 10.26 -14.39 31.59
C LEU B 144 9.46 -14.78 30.33
N LEU B 145 9.87 -15.78 29.53
CA LEU B 145 9.15 -16.08 28.25
C LEU B 145 7.65 -16.29 28.48
N LYS B 146 7.26 -16.90 29.60
CA LYS B 146 5.82 -17.14 29.91
C LYS B 146 5.05 -15.82 30.05
N HIS B 147 5.76 -14.70 30.29
CA HIS B 147 5.15 -13.36 30.44
C HIS B 147 5.00 -12.66 29.09
N SER B 148 5.55 -13.23 28.01
CA SER B 148 5.50 -12.58 26.68
C SER B 148 4.04 -12.34 26.26
N GLY B 149 3.73 -11.12 25.82
CA GLY B 149 2.40 -10.73 25.34
C GLY B 149 1.49 -10.24 26.45
N MET B 150 1.91 -10.27 27.71
CA MET B 150 1.06 -9.82 28.85
C MET B 150 1.19 -8.30 29.01
N ARG B 151 0.09 -7.66 29.37
CA ARG B 151 0.05 -6.24 29.78
C ARG B 151 0.73 -6.13 31.16
N PHE B 152 1.14 -4.94 31.52
CA PHE B 152 1.72 -4.64 32.83
C PHE B 152 0.57 -4.42 33.82
N THR B 153 0.65 -5.06 34.99
CA THR B 153 -0.39 -5.03 36.04
C THR B 153 0.21 -4.46 37.32
N THR B 154 -0.53 -3.54 37.95
CA THR B 154 -0.20 -2.97 39.27
C THR B 154 -1.40 -3.21 40.19
N LYS B 155 -1.18 -2.98 41.48
CA LYS B 155 -2.18 -3.17 42.55
C LYS B 155 -3.46 -2.37 42.27
N ASP B 156 -3.40 -1.31 41.43
CA ASP B 156 -4.57 -0.44 41.11
C ASP B 156 -4.95 -0.53 39.64
N ARG B 157 -4.36 -1.43 38.85
CA ARG B 157 -4.75 -1.59 37.43
C ARG B 157 -4.51 -3.04 37.01
N ASP B 158 -5.57 -3.84 36.96
CA ASP B 158 -5.49 -5.31 36.78
C ASP B 158 -5.72 -5.66 35.31
N SER B 159 -4.68 -6.10 34.60
CA SER B 159 -4.74 -6.52 33.18
C SER B 159 -4.23 -7.95 33.03
N ASP B 160 -4.20 -8.73 34.10
CA ASP B 160 -3.61 -10.10 34.10
C ASP B 160 -4.68 -11.14 33.73
N HIS B 161 -4.30 -12.42 33.71
CA HIS B 161 -5.16 -13.57 33.34
C HIS B 161 -5.60 -14.32 34.61
N SER B 162 -5.48 -13.71 35.79
CA SER B 162 -5.92 -14.29 37.09
C SER B 162 -7.30 -13.75 37.49
N GLU B 163 -8.06 -14.55 38.26
CA GLU B 163 -9.32 -14.14 38.93
C GLU B 163 -8.99 -13.05 39.96
N ASN B 164 -7.78 -13.08 40.54
CA ASN B 164 -7.25 -12.10 41.50
C ASN B 164 -6.47 -10.99 40.77
N ASN B 165 -5.97 -10.02 41.54
CA ASN B 165 -4.94 -9.05 41.08
C ASN B 165 -3.59 -9.64 41.44
N CYS B 166 -2.83 -10.11 40.45
CA CYS B 166 -1.51 -10.75 40.70
C CYS B 166 -0.58 -9.79 41.43
N ALA B 167 -0.65 -8.48 41.14
CA ALA B 167 0.28 -7.48 41.75
C ALA B 167 0.02 -7.37 43.27
N ALA B 168 -1.25 -7.30 43.67
CA ALA B 168 -1.66 -7.28 45.09
C ALA B 168 -1.25 -8.60 45.75
N PHE B 169 -1.56 -9.72 45.11
CA PHE B 169 -1.38 -11.06 45.71
C PHE B 169 0.11 -11.34 45.91
N TYR B 170 0.96 -11.02 44.93
CA TYR B 170 2.41 -11.30 44.98
C TYR B 170 3.20 -10.01 45.27
N ARG B 171 2.51 -8.95 45.71
CA ARG B 171 3.12 -7.74 46.32
C ARG B 171 4.18 -7.19 45.37
N GLY B 172 3.83 -7.05 44.11
CA GLY B 172 4.75 -6.47 43.11
C GLY B 172 4.02 -5.73 42.02
N ALA B 173 4.65 -5.69 40.85
CA ALA B 173 4.14 -5.04 39.63
C ALA B 173 4.89 -5.68 38.48
N TRP B 174 4.20 -6.16 37.47
CA TRP B 174 4.87 -7.05 36.48
C TRP B 174 3.91 -7.29 35.32
N TRP B 175 4.43 -7.90 34.27
CA TRP B 175 3.61 -8.39 33.14
C TRP B 175 3.00 -9.74 33.55
N TYR B 176 2.14 -9.74 34.55
CA TYR B 176 1.60 -10.97 35.17
C TYR B 176 0.68 -11.70 34.17
N ARG B 177 0.74 -13.03 34.20
CA ARG B 177 -0.20 -13.94 33.50
C ARG B 177 -1.15 -14.51 34.56
N ASN B 178 -0.85 -15.68 35.15
CA ASN B 178 -1.72 -16.30 36.18
C ASN B 178 -0.90 -17.17 37.14
N CYS B 179 0.08 -16.60 37.87
CA CYS B 179 0.43 -15.20 37.87
C CYS B 179 1.86 -14.98 37.34
N HIS B 180 2.85 -15.71 37.83
CA HIS B 180 4.26 -15.40 37.41
C HIS B 180 5.22 -16.57 37.57
N THR B 181 6.35 -16.45 36.86
CA THR B 181 7.59 -17.23 37.06
C THR B 181 8.69 -16.27 37.57
N SER B 182 8.50 -14.96 37.38
CA SER B 182 9.47 -13.94 37.86
C SER B 182 8.69 -12.80 38.50
N ASN B 183 9.32 -12.14 39.48
CA ASN B 183 8.66 -11.09 40.29
C ASN B 183 9.72 -10.12 40.83
N LEU B 184 10.55 -9.54 39.95
CA LEU B 184 11.74 -8.76 40.41
C LEU B 184 11.33 -7.42 41.04
N ASN B 185 10.08 -6.99 40.88
CA ASN B 185 9.53 -5.78 41.54
C ASN B 185 8.77 -6.16 42.82
N GLY B 186 9.01 -7.36 43.36
CA GLY B 186 8.32 -7.84 44.56
C GLY B 186 8.96 -7.29 45.82
N GLN B 187 8.47 -7.75 46.97
CA GLN B 187 8.91 -7.26 48.30
C GLN B 187 10.33 -7.73 48.55
N TYR B 188 11.16 -6.88 49.14
CA TYR B 188 12.57 -7.21 49.43
C TYR B 188 12.57 -8.03 50.73
N LEU B 189 12.31 -9.34 50.65
CA LEU B 189 12.12 -10.20 51.86
C LEU B 189 13.45 -10.78 52.37
N ARG B 190 14.57 -10.55 51.68
CA ARG B 190 15.96 -10.93 52.09
C ARG B 190 16.14 -12.45 52.22
N GLY B 191 16.19 -13.18 51.09
CA GLY B 191 16.54 -14.61 51.06
C GLY B 191 15.33 -15.48 51.35
N ALA B 192 15.52 -16.58 52.07
CA ALA B 192 14.46 -17.59 52.29
C ALA B 192 13.30 -16.92 53.05
N HIS B 193 12.07 -17.17 52.63
CA HIS B 193 10.86 -16.63 53.28
C HIS B 193 9.76 -17.68 53.22
N ALA B 194 8.90 -17.68 54.24
CA ALA B 194 7.80 -18.65 54.42
C ALA B 194 6.65 -18.32 53.44
N SER B 195 6.39 -17.04 53.18
CA SER B 195 5.34 -16.55 52.23
C SER B 195 5.65 -17.07 50.83
N TYR B 196 4.64 -17.32 50.00
CA TYR B 196 4.80 -17.95 48.67
C TYR B 196 5.01 -16.87 47.60
N ALA B 197 6.23 -16.78 47.04
CA ALA B 197 6.52 -16.17 45.72
C ALA B 197 6.22 -14.66 45.70
N ASP B 198 6.30 -13.97 46.84
CA ASP B 198 5.91 -12.53 46.91
C ASP B 198 7.12 -11.66 47.22
N GLY B 199 8.32 -12.22 47.09
CA GLY B 199 9.61 -11.51 47.19
C GLY B 199 10.15 -11.19 45.80
N VAL B 200 11.44 -10.88 45.75
CA VAL B 200 12.18 -10.63 44.49
C VAL B 200 12.55 -12.01 43.93
N GLU B 201 11.63 -12.63 43.21
CA GLU B 201 11.77 -14.05 42.82
C GLU B 201 12.25 -14.16 41.38
N TRP B 202 13.13 -15.13 41.12
CA TRP B 202 13.40 -15.63 39.75
C TRP B 202 13.31 -17.15 39.84
N SER B 203 12.11 -17.69 39.61
CA SER B 203 11.70 -19.06 40.04
C SER B 203 12.65 -20.11 39.45
N SER B 204 13.11 -19.92 38.21
CA SER B 204 13.95 -20.90 37.48
C SER B 204 15.33 -21.02 38.14
N TRP B 205 15.77 -20.04 38.93
CA TRP B 205 17.09 -20.08 39.60
C TRP B 205 16.92 -20.48 41.06
N THR B 206 16.18 -19.68 41.85
CA THR B 206 16.17 -19.75 43.33
C THR B 206 14.79 -20.17 43.84
N GLY B 207 13.85 -20.48 42.95
CA GLY B 207 12.53 -21.01 43.30
C GLY B 207 11.56 -19.95 43.76
N TRP B 208 10.54 -20.33 44.56
CA TRP B 208 9.32 -19.56 44.87
C TRP B 208 9.39 -18.95 46.28
N GLN B 209 10.42 -19.30 47.07
CA GLN B 209 10.50 -18.89 48.48
C GLN B 209 11.89 -18.31 48.75
N TYR B 210 12.45 -17.57 47.78
CA TYR B 210 13.77 -16.93 47.94
C TYR B 210 13.77 -15.56 47.28
N SER B 211 13.87 -14.52 48.11
CA SER B 211 13.94 -13.10 47.67
C SER B 211 15.40 -12.74 47.44
N LEU B 212 15.76 -12.46 46.18
CA LEU B 212 17.14 -12.18 45.77
C LEU B 212 17.67 -10.91 46.44
N LYS B 213 18.99 -10.84 46.57
CA LYS B 213 19.70 -9.67 47.14
C LYS B 213 19.78 -8.55 46.09
N PHE B 214 20.02 -8.92 44.84
CA PHE B 214 20.33 -7.94 43.77
C PHE B 214 19.63 -8.34 42.48
N SER B 215 19.03 -7.37 41.81
CA SER B 215 18.62 -7.53 40.39
C SER B 215 18.95 -6.25 39.62
N GLU B 216 19.33 -6.40 38.36
CA GLU B 216 19.39 -5.27 37.39
C GLU B 216 18.84 -5.75 36.06
N MET B 217 17.91 -4.98 35.51
CA MET B 217 17.34 -5.21 34.16
C MET B 217 17.83 -4.07 33.28
N LYS B 218 18.39 -4.40 32.12
CA LYS B 218 19.12 -3.42 31.28
C LYS B 218 19.02 -3.86 29.81
N ILE B 219 19.15 -2.89 28.91
CA ILE B 219 18.89 -3.12 27.47
C ILE B 219 20.06 -2.61 26.63
N ARG B 220 20.23 -3.23 25.47
CA ARG B 220 21.28 -2.80 24.49
C ARG B 220 20.77 -3.12 23.09
N PRO B 221 20.96 -2.21 22.11
CA PRO B 221 20.55 -2.48 20.73
C PRO B 221 21.23 -3.73 20.19
N VAL B 222 20.49 -4.57 19.47
CA VAL B 222 21.02 -5.80 18.80
C VAL B 222 22.01 -5.35 17.74
C1 NAG C . -0.35 17.10 -18.79
C2 NAG C . 0.22 17.94 -17.63
C3 NAG C . -0.26 19.38 -17.69
C4 NAG C . -0.08 19.99 -19.10
C5 NAG C . -0.70 19.05 -20.15
C6 NAG C . -0.62 19.61 -21.59
C7 NAG C . -1.17 16.88 -15.82
C8 NAG C . -1.06 16.12 -14.53
N2 NAG C . 0.00 17.30 -16.33
O3 NAG C . 0.52 20.14 -16.76
O4 NAG C . -0.65 21.30 -19.19
O5 NAG C . -0.06 17.78 -20.04
O6 NAG C . 0.71 19.54 -22.16
O7 NAG C . -2.28 17.07 -16.32
C1 FUC C . -0.21 20.52 -15.57
C2 FUC C . 0.80 20.96 -14.49
C3 FUC C . 1.43 22.32 -14.84
C4 FUC C . 0.31 23.32 -15.14
C5 FUC C . -0.60 22.80 -16.25
C6 FUC C . -1.75 23.75 -16.58
O2 FUC C . 1.83 19.98 -14.36
O3 FUC C . 2.31 22.78 -13.79
O4 FUC C . -0.45 23.52 -13.95
O5 FUC C . -1.18 21.56 -15.82
CA CA D . -28.85 -7.76 -27.78
S SO4 E . -29.93 10.49 -30.86
O1 SO4 E . -29.09 10.79 -29.74
O2 SO4 E . -29.12 10.14 -32.00
O3 SO4 E . -30.78 9.37 -30.51
O4 SO4 E . -30.73 11.63 -31.19
C1 GOL F . -7.14 19.63 -33.83
O1 GOL F . -7.48 20.80 -33.08
C2 GOL F . -6.62 18.53 -32.93
O2 GOL F . -5.32 18.88 -32.45
C3 GOL F . -7.51 18.23 -31.74
O3 GOL F . -6.92 17.25 -30.89
C1 NAG G . -19.73 -9.08 -19.60
C2 NAG G . -18.35 -8.61 -19.11
C3 NAG G . -17.32 -9.63 -19.57
C4 NAG G . -17.67 -10.93 -18.87
C5 NAG G . -19.11 -11.35 -19.21
C6 NAG G . -19.55 -12.62 -18.50
C7 NAG G . -18.28 -6.49 -20.50
C8 NAG G . -18.06 -5.02 -20.28
N2 NAG G . -18.00 -7.20 -19.41
O1 NAG G . -20.80 -8.11 -19.41
O3 NAG G . -15.97 -9.25 -19.25
O4 NAG G . -16.73 -11.93 -19.25
O5 NAG G . -20.02 -10.29 -18.90
O6 NAG G . -20.90 -12.92 -18.88
O7 NAG G . -18.74 -6.92 -21.57
CA CA H . -6.93 -10.26 37.42
S SO4 I . 1.21 4.54 45.18
O1 SO4 I . 1.78 3.57 46.06
O2 SO4 I . 2.01 4.64 43.98
O3 SO4 I . 1.18 5.81 45.84
O4 SO4 I . -0.10 4.13 44.82
S SO4 J . -3.37 -18.08 30.50
O1 SO4 J . -2.80 -16.96 29.81
O2 SO4 J . -3.11 -19.29 29.76
O3 SO4 J . -2.77 -18.20 31.82
O4 SO4 J . -4.78 -17.88 30.62
C ACY K . 20.40 -20.10 47.21
O ACY K . 20.82 -19.66 46.11
OXT ACY K . 19.25 -20.51 47.38
CH3 ACY K . 21.37 -20.14 48.39
C ACY L . 26.04 -1.51 37.78
O ACY L . 25.43 -1.27 36.67
OXT ACY L . 25.61 -2.29 38.68
CH3 ACY L . 27.38 -0.80 38.05
C ACY M . 2.39 -18.30 40.47
O ACY M . 1.75 -17.59 39.67
OXT ACY M . 2.26 -19.55 40.55
CH3 ACY M . 3.37 -17.62 41.40
#